data_6MHT
#
_entry.id   6MHT
#
_cell.length_a   99.860
_cell.length_b   99.860
_cell.length_c   325.200
_cell.angle_alpha   90.00
_cell.angle_beta   90.00
_cell.angle_gamma   120.00
#
_symmetry.space_group_name_H-M   'H 3 2'
#
loop_
_entity.id
_entity.type
_entity.pdbx_description
1 polymer "DNA (5'-D(P*CP*CP*AP*TP*GP*(5CM)P*GP*CP*TP*GP*AP*C)-3')"
2 polymer "DNA (5'-D(P*GP*TP*CP*AP*GP*(4SC)P*GP*CP*AP*TP*GP*G)-3')"
3 polymer 'CYTOSINE-SPECIFIC METHYLTRANSFERASE HHAI'
4 non-polymer S-ADENOSYLMETHIONINE
5 water water
#
loop_
_entity_poly.entity_id
_entity_poly.type
_entity_poly.pdbx_seq_one_letter_code
_entity_poly.pdbx_strand_id
1 'polydeoxyribonucleotide' (DC)(DC)(DA)(DT)(DG)(5CM)(DG)(DC)(DT)(DG)(DA)(DC) C
2 'polydeoxyribonucleotide' (DG)(DT)(DC)(DA)(DG)(4SC)(DG)(DC)(DA)(DT)(DG)(DG) D
3 'polypeptide(L)'
;MIEIKDKQLTGLRFIDLFAGLGGFRLALESCGAECVYSNEWDKYAQEVYEMNFGEKPEGDITQVNEKTIPDHDILCAGFP
CQAFSISGKQKGFEDSRGTLFFDIARIVREKKPKVVFMENVKNFASHDNGNTLEVVKNTMNELDYSFHAKVLNALDYGIP
QKRERIYMICFRNDLNIQNFQFPKPFELNTFVKDLLLPDSEVEHLVIDRKDLVMTNQEIEQTTPKTVRLGIVGKGGQGER
IYSTRGIAITLSAYGGGIFAKTGGYLVNGKTRKLHPRECARVMGYPDSYKVHPSTSQAYKQFGNSVVINVLQYIAYNIGS
SLNFKPY
;
A
#
loop_
_chem_comp.id
_chem_comp.type
_chem_comp.name
_chem_comp.formula
4SC DNA linking '2'-deoxy-5-methyl-4'-thiocytidine 5'-(dihydrogen phosphate)' 'C10 H16 N3 O6 P S'
5CM DNA linking 5-METHYL-2'-DEOXY-CYTIDINE-5'-MONOPHOSPHATE 'C10 H16 N3 O7 P'
DA DNA linking 2'-DEOXYADENOSINE-5'-MONOPHOSPHATE 'C10 H14 N5 O6 P'
DC DNA linking 2'-DEOXYCYTIDINE-5'-MONOPHOSPHATE 'C9 H14 N3 O7 P'
DG DNA linking 2'-DEOXYGUANOSINE-5'-MONOPHOSPHATE 'C10 H14 N5 O7 P'
DT DNA linking THYMIDINE-5'-MONOPHOSPHATE 'C10 H15 N2 O8 P'
SAM non-polymer S-ADENOSYLMETHIONINE 'C15 H22 N6 O5 S'
#
# COMPACT_ATOMS: atom_id res chain seq x y z
N1 5CM A 6 -15.15 -11.41 -16.14
C2 5CM A 6 -14.94 -10.57 -15.04
N3 5CM A 6 -13.74 -10.66 -14.38
C4 5CM A 6 -12.79 -11.47 -14.75
C5 5CM A 6 -12.97 -12.34 -15.90
C5A 5CM A 6 -11.85 -13.31 -16.34
C6 5CM A 6 -14.14 -12.28 -16.57
O2 5CM A 6 -15.73 -9.69 -14.67
N4 5CM A 6 -11.65 -11.42 -14.02
C1' 5CM A 6 -16.53 -11.41 -16.80
C2' 5CM A 6 -16.52 -10.85 -18.20
C3' 5CM A 6 -17.73 -11.48 -18.84
C4' 5CM A 6 -17.93 -12.75 -18.04
O4' 5CM A 6 -16.92 -12.77 -17.05
O3' 5CM A 6 -18.87 -10.67 -18.60
C5' 5CM A 6 -17.90 -14.01 -18.90
O5' 5CM A 6 -16.61 -14.27 -19.47
P 5CM A 6 -16.37 -15.78 -19.96
OP1 5CM A 6 -17.43 -16.13 -20.91
OP2 5CM A 6 -14.94 -15.85 -20.36
P 4SC B 6 -6.32 -0.13 -9.00
OP1 4SC B 6 -7.39 0.75 -8.50
OP2 4SC B 6 -4.99 0.48 -9.28
O5' 4SC B 6 -6.06 -1.27 -7.82
C5' 4SC B 6 -7.17 -1.77 -6.98
C4' 4SC B 6 -6.59 -2.54 -5.76
S4' 4SC B 6 -5.63 -1.23 -4.93
C3' 4SC B 6 -7.67 -3.03 -4.81
O3' 4SC B 6 -8.23 -4.40 -5.24
C2' 4SC B 6 -6.89 -3.19 -3.43
C1' 4SC B 6 -5.94 -2.00 -3.30
N1 4SC B 6 -6.03 -1.02 -2.20
C2 4SC B 6 -4.94 -0.14 -2.05
O2 4SC B 6 -3.96 -0.32 -2.74
N3 4SC B 6 -5.01 0.88 -1.10
C4 4SC B 6 -6.10 1.06 -0.28
N4 4SC B 6 -6.18 2.18 0.55
C5 4SC B 6 -7.23 0.11 -0.42
C6 4SC B 6 -7.14 -0.88 -1.37
C5M 4SC B 6 -7.07 -0.46 1.07
N MET C 1 12.19 -4.20 2.66
CA MET C 1 12.38 -2.86 3.23
C MET C 1 13.84 -2.44 3.24
N ILE C 2 14.08 -1.17 3.56
CA ILE C 2 15.43 -0.61 3.56
C ILE C 2 15.93 -0.37 4.98
N GLU C 3 17.24 -0.26 5.17
CA GLU C 3 17.76 -0.03 6.52
C GLU C 3 17.98 1.46 6.75
N ILE C 4 17.43 1.96 7.85
CA ILE C 4 17.55 3.38 8.19
C ILE C 4 18.48 3.59 9.39
N LYS C 5 19.60 4.28 9.16
CA LYS C 5 20.56 4.55 10.25
C LYS C 5 20.24 5.78 11.10
N ASP C 6 19.79 6.84 10.44
CA ASP C 6 19.44 8.12 11.08
C ASP C 6 17.96 8.11 11.47
N LYS C 7 17.65 7.74 12.71
CA LYS C 7 16.26 7.67 13.16
C LYS C 7 15.55 8.98 13.51
N GLN C 8 15.15 9.68 12.46
CA GLN C 8 14.47 10.97 12.56
C GLN C 8 13.20 11.09 13.38
N LEU C 9 12.51 9.98 13.67
CA LEU C 9 11.25 10.10 14.41
C LEU C 9 11.29 9.63 15.87
N THR C 10 12.47 9.57 16.47
CA THR C 10 12.60 9.14 17.87
C THR C 10 11.78 10.03 18.85
N GLY C 11 11.05 9.41 19.77
CA GLY C 11 10.28 10.22 20.69
C GLY C 11 8.84 10.54 20.31
N LEU C 12 8.47 10.35 19.04
CA LEU C 12 7.10 10.63 18.59
C LEU C 12 6.16 9.39 18.67
N ARG C 13 4.87 9.66 18.92
CA ARG C 13 3.86 8.59 19.01
C ARG C 13 2.89 8.64 17.81
N PHE C 14 2.36 7.49 17.41
CA PHE C 14 1.40 7.42 16.31
C PHE C 14 0.30 6.36 16.52
N ILE C 15 -0.82 6.47 15.77
CA ILE C 15 -1.92 5.50 15.81
C ILE C 15 -2.09 4.92 14.38
N ASP C 16 -2.41 3.63 14.33
CA ASP C 16 -2.53 2.84 13.09
C ASP C 16 -4.00 2.45 12.76
N LEU C 17 -4.70 3.28 11.97
CA LEU C 17 -6.11 3.06 11.60
C LEU C 17 -6.25 2.26 10.30
N PHE C 18 -7.33 1.46 10.19
CA PHE C 18 -7.56 0.60 9.02
C PHE C 18 -6.25 -0.20 8.86
N ALA C 19 -5.80 -0.77 9.98
CA ALA C 19 -4.51 -1.45 10.09
C ALA C 19 -4.04 -2.52 9.12
N GLY C 20 -4.92 -3.46 8.77
CA GLY C 20 -4.54 -4.53 7.85
C GLY C 20 -3.36 -5.35 8.35
N LEU C 21 -2.32 -5.48 7.53
CA LEU C 21 -1.15 -6.25 7.92
C LEU C 21 -0.14 -5.45 8.76
N GLY C 22 -0.34 -4.13 8.87
CA GLY C 22 0.57 -3.29 9.62
C GLY C 22 1.71 -2.67 8.81
N GLY C 23 1.52 -2.47 7.51
CA GLY C 23 2.56 -1.85 6.68
C GLY C 23 2.97 -0.47 7.18
N PHE C 24 2.00 0.35 7.62
CA PHE C 24 2.32 1.68 8.16
C PHE C 24 3.16 1.53 9.46
N ARG C 25 2.86 0.52 10.27
CA ARG C 25 3.61 0.29 11.52
C ARG C 25 5.10 -0.10 11.31
N LEU C 26 5.38 -1.01 10.38
CA LEU C 26 6.76 -1.39 10.10
C LEU C 26 7.57 -0.17 9.65
N ALA C 27 7.02 0.62 8.72
CA ALA C 27 7.69 1.80 8.20
C ALA C 27 8.04 2.85 9.27
N LEU C 28 7.05 3.27 10.06
CA LEU C 28 7.32 4.27 11.10
C LEU C 28 8.21 3.71 12.24
N GLU C 29 7.99 2.48 12.70
CA GLU C 29 8.87 1.93 13.76
C GLU C 29 10.34 1.92 13.30
N SER C 30 10.60 1.64 12.02
CA SER C 30 11.98 1.63 11.52
C SER C 30 12.64 3.02 11.59
N CYS C 31 11.82 4.05 11.72
CA CYS C 31 12.33 5.42 11.83
C CYS C 31 12.38 5.91 13.30
N GLY C 32 12.05 5.01 14.24
CA GLY C 32 12.12 5.34 15.65
C GLY C 32 10.87 5.76 16.40
N ALA C 33 9.69 5.73 15.76
CA ALA C 33 8.45 6.13 16.44
C ALA C 33 7.79 4.96 17.19
N GLU C 34 6.85 5.28 18.09
CA GLU C 34 6.14 4.27 18.91
C GLU C 34 4.64 4.28 18.67
N CYS C 35 4.04 3.09 18.50
CA CYS C 35 2.60 2.96 18.24
C CYS C 35 1.79 2.84 19.53
N VAL C 36 0.76 3.68 19.68
CA VAL C 36 -0.07 3.66 20.90
C VAL C 36 -1.58 3.30 20.73
N TYR C 37 -1.99 2.93 19.51
CA TYR C 37 -3.38 2.54 19.25
C TYR C 37 -3.47 1.98 17.84
N SER C 38 -4.33 0.98 17.65
CA SER C 38 -4.59 0.35 16.35
C SER C 38 -6.06 -0.06 16.28
N ASN C 39 -6.64 -0.04 15.08
CA ASN C 39 -8.05 -0.37 14.82
C ASN C 39 -8.16 -1.09 13.47
N GLU C 40 -8.94 -2.16 13.42
CA GLU C 40 -9.18 -2.98 12.22
C GLU C 40 -10.29 -3.98 12.61
N TRP C 41 -11.31 -4.14 11.76
CA TRP C 41 -12.42 -5.03 12.10
C TRP C 41 -12.51 -6.45 11.51
N ASP C 42 -11.61 -6.81 10.59
CA ASP C 42 -11.63 -8.13 9.96
C ASP C 42 -10.99 -9.20 10.84
N LYS C 43 -11.74 -10.28 11.09
CA LYS C 43 -11.27 -11.38 11.92
C LYS C 43 -9.87 -11.93 11.52
N TYR C 44 -9.72 -12.28 10.25
CA TYR C 44 -8.44 -12.83 9.79
C TYR C 44 -7.26 -11.86 9.85
N ALA C 45 -7.51 -10.58 9.61
CA ALA C 45 -6.45 -9.56 9.68
C ALA C 45 -6.01 -9.35 11.15
N GLN C 46 -6.97 -9.36 12.09
CA GLN C 46 -6.62 -9.23 13.50
C GLN C 46 -5.71 -10.40 13.93
N GLU C 47 -5.90 -11.59 13.35
CA GLU C 47 -5.05 -12.76 13.66
C GLU C 47 -3.59 -12.59 13.20
N VAL C 48 -3.32 -12.17 11.96
CA VAL C 48 -1.90 -11.99 11.54
C VAL C 48 -1.22 -10.87 12.33
N TYR C 49 -1.96 -9.79 12.58
CA TYR C 49 -1.46 -8.63 13.31
C TYR C 49 -0.96 -9.11 14.66
N GLU C 50 -1.82 -9.82 15.38
CA GLU C 50 -1.47 -10.32 16.70
C GLU C 50 -0.27 -11.29 16.65
N MET C 51 -0.20 -12.10 15.59
CA MET C 51 0.89 -13.05 15.37
C MET C 51 2.23 -12.31 15.27
N ASN C 52 2.25 -11.19 14.56
CA ASN C 52 3.45 -10.38 14.37
C ASN C 52 3.78 -9.26 15.38
N PHE C 53 2.79 -8.61 15.99
CA PHE C 53 3.09 -7.51 16.92
C PHE C 53 2.69 -7.79 18.36
N GLY C 54 1.94 -8.85 18.61
CA GLY C 54 1.56 -9.16 19.96
C GLY C 54 0.39 -8.42 20.59
N GLU C 55 -0.50 -7.90 19.76
CA GLU C 55 -1.69 -7.20 20.28
C GLU C 55 -2.85 -7.31 19.28
N LYS C 56 -4.07 -7.24 19.81
CA LYS C 56 -5.27 -7.36 18.99
C LYS C 56 -5.86 -5.95 18.82
N PRO C 57 -6.07 -5.51 17.57
CA PRO C 57 -6.64 -4.18 17.29
C PRO C 57 -8.12 -4.07 17.65
N GLU C 58 -8.57 -2.85 17.92
CA GLU C 58 -9.97 -2.60 18.25
C GLU C 58 -10.84 -2.74 17.00
N GLY C 59 -12.15 -2.90 17.19
CA GLY C 59 -13.09 -3.07 16.09
C GLY C 59 -13.83 -1.84 15.61
N ASP C 60 -14.77 -2.04 14.66
CA ASP C 60 -15.58 -0.99 14.02
C ASP C 60 -15.39 0.48 14.48
N ILE C 61 -14.60 1.22 13.71
CA ILE C 61 -14.31 2.63 13.97
C ILE C 61 -15.55 3.55 13.96
N THR C 62 -16.61 3.20 13.24
CA THR C 62 -17.78 4.09 13.20
C THR C 62 -18.55 4.19 14.52
N GLN C 63 -18.26 3.28 15.45
CA GLN C 63 -18.94 3.33 16.72
C GLN C 63 -18.01 3.48 17.91
N VAL C 64 -16.83 4.02 17.67
CA VAL C 64 -15.85 4.26 18.71
C VAL C 64 -15.99 5.73 19.04
N ASN C 65 -15.97 6.06 20.32
CA ASN C 65 -16.10 7.46 20.74
C ASN C 65 -14.74 8.14 20.61
N GLU C 66 -14.65 9.11 19.69
CA GLU C 66 -13.39 9.83 19.44
C GLU C 66 -12.65 10.44 20.63
N LYS C 67 -13.32 10.53 21.77
CA LYS C 67 -12.67 11.10 22.97
C LYS C 67 -11.90 10.07 23.79
N THR C 68 -12.11 8.79 23.48
CA THR C 68 -11.46 7.70 24.18
C THR C 68 -10.09 7.35 23.56
N ILE C 69 -9.81 7.89 22.38
CA ILE C 69 -8.56 7.66 21.69
C ILE C 69 -7.42 8.41 22.38
N PRO C 70 -6.26 7.75 22.60
CA PRO C 70 -5.04 8.29 23.25
C PRO C 70 -4.42 9.48 22.50
N ASP C 71 -3.67 10.32 23.24
CA ASP C 71 -2.99 11.49 22.65
C ASP C 71 -1.87 10.96 21.74
N HIS C 72 -1.62 11.64 20.62
CA HIS C 72 -0.61 11.17 19.65
C HIS C 72 -0.12 12.28 18.71
N ASP C 73 1.03 12.07 18.08
CA ASP C 73 1.61 13.08 17.18
C ASP C 73 1.27 12.92 15.70
N ILE C 74 1.18 11.67 15.23
CA ILE C 74 0.91 11.37 13.82
C ILE C 74 -0.24 10.36 13.65
N LEU C 75 -1.22 10.69 12.81
CA LEU C 75 -2.37 9.82 12.48
C LEU C 75 -2.05 9.19 11.10
N CYS C 76 -2.14 7.87 11.01
CA CYS C 76 -1.89 7.11 9.77
C CYS C 76 -3.18 6.47 9.27
N ALA C 77 -3.42 6.46 7.95
CA ALA C 77 -4.64 5.83 7.40
C ALA C 77 -4.69 5.51 5.89
N GLY C 78 -4.71 4.22 5.56
CA GLY C 78 -4.85 3.81 4.15
C GLY C 78 -6.31 3.37 4.06
N PHE C 79 -7.23 4.32 3.87
CA PHE C 79 -8.66 4.01 3.84
C PHE C 79 -9.20 3.21 2.64
N PRO C 80 -10.39 2.60 2.76
CA PRO C 80 -11.00 1.79 1.69
C PRO C 80 -11.08 2.46 0.32
N CYS C 81 -10.80 1.70 -0.75
CA CYS C 81 -10.80 2.24 -2.12
C CYS C 81 -11.80 1.69 -3.14
N GLN C 82 -12.62 0.70 -2.76
CA GLN C 82 -13.56 0.12 -3.73
C GLN C 82 -14.47 1.16 -4.43
N ALA C 83 -14.87 2.19 -3.69
CA ALA C 83 -15.78 3.22 -4.21
C ALA C 83 -15.13 4.25 -5.13
N PHE C 84 -13.81 4.17 -5.30
CA PHE C 84 -13.06 5.11 -6.12
C PHE C 84 -12.18 4.45 -7.20
N SER C 85 -11.94 3.15 -7.10
CA SER C 85 -11.09 2.44 -8.08
C SER C 85 -11.67 2.41 -9.50
N ILE C 86 -10.77 2.45 -10.47
CA ILE C 86 -11.12 2.42 -11.89
C ILE C 86 -11.70 1.02 -12.26
N SER C 87 -11.54 0.04 -11.37
CA SER C 87 -12.02 -1.31 -11.61
C SER C 87 -13.43 -1.57 -11.03
N GLY C 88 -13.93 -0.62 -10.25
CA GLY C 88 -15.23 -0.74 -9.62
C GLY C 88 -16.29 0.11 -10.31
N LYS C 89 -17.39 0.39 -9.61
CA LYS C 89 -18.50 1.17 -10.16
C LYS C 89 -18.45 2.68 -9.91
N GLN C 90 -17.42 3.15 -9.22
CA GLN C 90 -17.24 4.59 -8.96
C GLN C 90 -18.38 5.40 -8.31
N LYS C 91 -19.04 4.83 -7.31
CA LYS C 91 -20.14 5.54 -6.62
C LYS C 91 -19.72 6.62 -5.60
N GLY C 92 -18.43 6.70 -5.28
CA GLY C 92 -17.95 7.73 -4.36
C GLY C 92 -18.61 7.86 -2.99
N PHE C 93 -18.87 9.10 -2.59
CA PHE C 93 -19.48 9.38 -1.28
C PHE C 93 -20.88 8.81 -1.12
N GLU C 94 -21.48 8.34 -2.21
CA GLU C 94 -22.80 7.72 -2.14
C GLU C 94 -22.67 6.25 -1.71
N ASP C 95 -21.46 5.72 -1.75
CA ASP C 95 -21.21 4.32 -1.39
C ASP C 95 -21.05 4.18 0.11
N SER C 96 -21.64 3.12 0.68
CA SER C 96 -21.53 2.87 2.13
C SER C 96 -20.08 2.62 2.57
N ARG C 97 -19.22 2.22 1.64
CA ARG C 97 -17.80 2.01 1.94
C ARG C 97 -17.01 3.28 1.57
N GLY C 98 -17.71 4.28 1.02
CA GLY C 98 -17.08 5.51 0.60
C GLY C 98 -17.12 6.68 1.56
N THR C 99 -17.72 6.52 2.74
CA THR C 99 -17.81 7.63 3.69
C THR C 99 -16.79 7.61 4.83
N LEU C 100 -15.89 6.63 4.85
CA LEU C 100 -14.93 6.53 5.95
C LEU C 100 -14.05 7.77 6.18
N PHE C 101 -13.82 8.56 5.14
CA PHE C 101 -13.03 9.78 5.30
C PHE C 101 -13.60 10.73 6.38
N PHE C 102 -14.93 10.85 6.49
CA PHE C 102 -15.52 11.75 7.50
C PHE C 102 -15.30 11.32 8.97
N ASP C 103 -15.03 10.03 9.17
CA ASP C 103 -14.76 9.50 10.52
C ASP C 103 -13.37 9.96 10.94
N ILE C 104 -12.45 10.00 9.97
CA ILE C 104 -11.08 10.45 10.21
C ILE C 104 -11.15 11.92 10.66
N ALA C 105 -11.90 12.73 9.90
CA ALA C 105 -12.11 14.16 10.17
C ALA C 105 -12.65 14.39 11.58
N ARG C 106 -13.57 13.53 12.00
CA ARG C 106 -14.17 13.57 13.33
C ARG C 106 -13.08 13.41 14.41
N ILE C 107 -12.17 12.47 14.17
CA ILE C 107 -11.08 12.23 15.11
C ILE C 107 -10.11 13.41 15.10
N VAL C 108 -9.75 13.89 13.91
CA VAL C 108 -8.81 15.01 13.81
C VAL C 108 -9.30 16.31 14.53
N ARG C 109 -10.61 16.53 14.54
CA ARG C 109 -11.18 17.70 15.19
C ARG C 109 -10.88 17.71 16.70
N GLU C 110 -11.10 16.58 17.36
CA GLU C 110 -10.85 16.41 18.79
C GLU C 110 -9.38 16.34 19.23
N LYS C 111 -8.65 15.39 18.65
CA LYS C 111 -7.26 15.18 19.06
C LYS C 111 -6.22 16.16 18.54
N LYS C 112 -6.49 16.79 17.40
CA LYS C 112 -5.56 17.76 16.82
C LYS C 112 -4.08 17.37 16.78
N PRO C 113 -3.74 16.26 16.10
CA PRO C 113 -2.34 15.80 15.99
C PRO C 113 -1.52 16.74 15.10
N LYS C 114 -0.19 16.59 15.16
CA LYS C 114 0.70 17.41 14.35
C LYS C 114 0.67 17.08 12.86
N VAL C 115 0.62 15.79 12.52
CA VAL C 115 0.63 15.37 11.10
C VAL C 115 -0.45 14.33 10.75
N VAL C 116 -1.02 14.43 9.54
CA VAL C 116 -2.02 13.45 9.05
C VAL C 116 -1.38 12.87 7.79
N PHE C 117 -1.21 11.54 7.74
CA PHE C 117 -0.56 10.79 6.63
C PHE C 117 -1.58 9.77 6.06
N MET C 118 -2.07 9.97 4.83
CA MET C 118 -3.08 9.08 4.20
C MET C 118 -2.68 8.53 2.80
N GLU C 119 -3.27 7.41 2.39
CA GLU C 119 -2.99 6.77 1.08
C GLU C 119 -4.29 6.25 0.41
N ASN C 120 -4.38 6.31 -0.92
CA ASN C 120 -5.52 5.79 -1.69
C ASN C 120 -5.10 5.54 -3.15
N VAL C 121 -6.00 5.05 -4.02
CA VAL C 121 -5.60 4.78 -5.41
C VAL C 121 -5.43 6.03 -6.31
N LYS C 122 -4.81 5.84 -7.47
CA LYS C 122 -4.56 6.94 -8.41
C LYS C 122 -5.81 7.68 -8.93
N ASN C 123 -6.90 6.93 -9.21
CA ASN C 123 -8.17 7.48 -9.72
C ASN C 123 -8.85 8.44 -8.73
N PHE C 124 -8.44 8.42 -7.46
CA PHE C 124 -8.98 9.31 -6.42
C PHE C 124 -8.76 10.79 -6.82
N ALA C 125 -7.60 11.08 -7.42
CA ALA C 125 -7.26 12.43 -7.84
C ALA C 125 -8.08 12.93 -9.05
N SER C 126 -8.69 12.00 -9.78
CA SER C 126 -9.45 12.33 -10.98
C SER C 126 -10.97 12.18 -10.83
N HIS C 127 -11.39 11.34 -9.88
CA HIS C 127 -12.80 11.05 -9.65
C HIS C 127 -13.76 12.25 -9.57
N ASP C 128 -14.89 12.11 -10.26
CA ASP C 128 -15.96 13.12 -10.30
C ASP C 128 -15.44 14.49 -10.75
N ASN C 129 -14.70 14.50 -11.86
CA ASN C 129 -14.12 15.72 -12.41
C ASN C 129 -13.32 16.54 -11.40
N GLY C 130 -12.62 15.87 -10.48
CA GLY C 130 -11.82 16.59 -9.49
C GLY C 130 -12.53 17.04 -8.23
N ASN C 131 -13.85 16.87 -8.14
CA ASN C 131 -14.56 17.31 -6.95
C ASN C 131 -14.21 16.57 -5.66
N THR C 132 -14.01 15.25 -5.77
CA THR C 132 -13.67 14.44 -4.60
C THR C 132 -12.37 14.93 -3.89
N LEU C 133 -11.32 15.21 -4.66
CA LEU C 133 -10.07 15.69 -4.08
C LEU C 133 -10.22 17.11 -3.48
N GLU C 134 -10.95 17.98 -4.17
CA GLU C 134 -11.17 19.34 -3.65
C GLU C 134 -11.91 19.30 -2.30
N VAL C 135 -12.89 18.41 -2.19
CA VAL C 135 -13.63 18.24 -0.94
C VAL C 135 -12.69 17.85 0.21
N VAL C 136 -11.74 16.95 -0.07
CA VAL C 136 -10.80 16.54 0.97
C VAL C 136 -9.87 17.69 1.36
N LYS C 137 -9.36 18.40 0.36
CA LYS C 137 -8.45 19.54 0.59
C LYS C 137 -9.09 20.68 1.39
N ASN C 138 -10.36 21.02 1.08
CA ASN C 138 -11.08 22.09 1.77
C ASN C 138 -11.38 21.72 3.22
N THR C 139 -11.79 20.47 3.46
CA THR C 139 -12.07 20.01 4.82
C THR C 139 -10.78 20.14 5.68
N MET C 140 -9.64 19.70 5.15
CA MET C 140 -8.38 19.80 5.92
C MET C 140 -8.01 21.26 6.17
N ASN C 141 -8.22 22.09 5.15
CA ASN C 141 -7.92 23.51 5.29
C ASN C 141 -8.80 24.08 6.42
N GLU C 142 -10.09 23.75 6.41
CA GLU C 142 -11.03 24.25 7.43
C GLU C 142 -10.66 23.84 8.86
N LEU C 143 -9.97 22.71 9.01
CA LEU C 143 -9.56 22.25 10.33
C LEU C 143 -8.20 22.85 10.77
N ASP C 144 -7.67 23.77 9.96
CA ASP C 144 -6.39 24.46 10.23
C ASP C 144 -5.11 23.66 9.91
N TYR C 145 -5.09 23.03 8.73
CA TYR C 145 -3.97 22.23 8.25
C TYR C 145 -3.62 22.62 6.81
N SER C 146 -2.37 22.39 6.42
CA SER C 146 -1.92 22.64 5.04
C SER C 146 -2.14 21.32 4.29
N PHE C 147 -2.06 21.32 2.95
CA PHE C 147 -2.31 20.10 2.18
C PHE C 147 -1.31 19.84 1.05
N HIS C 148 -0.59 18.71 1.11
CA HIS C 148 0.40 18.32 0.08
C HIS C 148 0.03 16.93 -0.43
N ALA C 149 -0.03 16.77 -1.75
CA ALA C 149 -0.41 15.48 -2.33
C ALA C 149 0.24 15.24 -3.68
N LYS C 150 0.56 13.98 -3.96
CA LYS C 150 1.19 13.62 -5.21
C LYS C 150 1.05 12.11 -5.51
N VAL C 151 1.05 11.73 -6.80
CA VAL C 151 0.96 10.33 -7.20
C VAL C 151 2.39 9.79 -7.43
N LEU C 152 2.72 8.66 -6.80
CA LEU C 152 4.06 8.06 -6.95
C LEU C 152 3.96 6.59 -7.38
N ASN C 153 4.91 6.18 -8.20
CA ASN C 153 4.99 4.81 -8.72
C ASN C 153 6.11 4.02 -8.01
N ALA C 154 5.77 2.85 -7.48
CA ALA C 154 6.73 1.99 -6.79
C ALA C 154 8.00 1.66 -7.61
N LEU C 155 7.89 1.51 -8.93
CA LEU C 155 9.07 1.17 -9.75
C LEU C 155 10.20 2.23 -9.71
N ASP C 156 9.87 3.46 -9.32
CA ASP C 156 10.84 4.57 -9.21
C ASP C 156 11.57 4.57 -7.87
N TYR C 157 11.19 3.69 -6.95
CA TYR C 157 11.83 3.60 -5.63
C TYR C 157 12.44 2.23 -5.32
N GLY C 158 12.88 1.54 -6.38
CA GLY C 158 13.54 0.25 -6.22
C GLY C 158 12.80 -1.06 -6.05
N ILE C 159 11.49 -1.09 -6.29
CA ILE C 159 10.70 -2.33 -6.16
C ILE C 159 10.10 -2.63 -7.52
N PRO C 160 10.32 -3.86 -8.04
CA PRO C 160 9.76 -4.16 -9.36
C PRO C 160 8.25 -4.37 -9.45
N GLN C 161 7.45 -3.31 -9.27
CA GLN C 161 5.99 -3.42 -9.39
C GLN C 161 5.38 -2.11 -9.91
N LYS C 162 4.46 -2.23 -10.86
CA LYS C 162 3.79 -1.05 -11.38
C LYS C 162 2.61 -0.81 -10.40
N ARG C 163 2.77 0.10 -9.44
CA ARG C 163 1.70 0.38 -8.44
C ARG C 163 1.70 1.89 -8.19
N GLU C 164 0.80 2.57 -8.90
CA GLU C 164 0.64 4.02 -8.85
C GLU C 164 -0.41 4.41 -7.79
N ARG C 165 -0.02 5.16 -6.76
CA ARG C 165 -0.94 5.55 -5.69
C ARG C 165 -0.84 7.04 -5.32
N ILE C 166 -1.85 7.57 -4.62
CA ILE C 166 -1.82 8.98 -4.20
C ILE C 166 -1.51 9.05 -2.69
N TYR C 167 -0.51 9.86 -2.31
CA TYR C 167 -0.09 10.04 -0.91
C TYR C 167 -0.42 11.47 -0.45
N MET C 168 -1.15 11.62 0.66
CA MET C 168 -1.56 12.94 1.19
C MET C 168 -0.98 13.25 2.59
N ILE C 169 -0.10 14.26 2.65
CA ILE C 169 0.60 14.72 3.89
C ILE C 169 0.05 16.10 4.37
N CYS C 170 -0.34 16.20 5.64
CA CYS C 170 -0.90 17.45 6.19
C CYS C 170 -0.25 17.89 7.52
N PHE C 171 0.19 19.15 7.59
CA PHE C 171 0.85 19.73 8.77
C PHE C 171 -0.04 20.79 9.46
N ARG C 172 -0.04 20.79 10.79
CA ARG C 172 -0.83 21.75 11.58
C ARG C 172 -0.23 23.14 11.35
N ASN C 173 -1.09 24.12 11.07
CA ASN C 173 -0.63 25.47 10.76
C ASN C 173 0.30 26.20 11.72
N ASP C 174 0.15 26.00 13.02
CA ASP C 174 1.03 26.68 13.96
C ASP C 174 2.48 26.20 13.95
N LEU C 175 2.78 25.14 13.23
CA LEU C 175 4.14 24.60 13.15
C LEU C 175 4.95 25.35 12.08
N ASN C 176 4.26 25.98 11.15
CA ASN C 176 4.90 26.75 10.08
C ASN C 176 5.91 25.99 9.22
N ILE C 177 5.58 24.76 8.83
CA ILE C 177 6.48 23.96 7.99
C ILE C 177 6.49 24.44 6.53
N GLN C 178 7.71 24.78 5.99
CA GLN C 178 7.75 25.33 4.63
C GLN C 178 8.81 24.55 3.86
N ASN C 179 9.45 23.50 4.31
CA ASN C 179 10.46 22.79 3.53
C ASN C 179 10.20 21.29 3.24
N PHE C 180 8.94 20.84 3.31
CA PHE C 180 8.64 19.43 3.05
C PHE C 180 8.74 19.12 1.56
N GLN C 181 9.28 17.94 1.22
CA GLN C 181 9.37 17.52 -0.18
C GLN C 181 9.21 16.02 -0.38
N PHE C 182 8.58 15.64 -1.48
CA PHE C 182 8.41 14.22 -1.81
C PHE C 182 9.79 13.73 -2.27
N PRO C 183 10.14 12.47 -1.96
CA PRO C 183 11.47 11.97 -2.39
C PRO C 183 11.70 11.90 -3.91
N LYS C 184 12.96 11.96 -4.32
CA LYS C 184 13.35 11.93 -5.73
C LYS C 184 13.51 10.48 -6.24
N PRO C 185 13.08 10.22 -7.49
CA PRO C 185 13.17 8.89 -8.11
C PRO C 185 14.61 8.46 -8.44
N PHE C 186 14.84 7.15 -8.47
CA PHE C 186 16.15 6.61 -8.84
C PHE C 186 16.01 5.40 -9.79
N GLU C 187 17.10 4.99 -10.42
CA GLU C 187 17.11 3.87 -11.38
C GLU C 187 16.84 2.47 -10.77
N LEU C 188 16.00 1.67 -11.44
CA LEU C 188 15.66 0.32 -10.95
C LEU C 188 16.69 -0.73 -11.33
N ASN C 189 17.13 -1.52 -10.36
CA ASN C 189 18.12 -2.55 -10.64
C ASN C 189 17.75 -3.97 -10.23
N THR C 190 16.51 -4.18 -9.80
CA THR C 190 16.02 -5.51 -9.40
C THR C 190 14.78 -5.82 -10.24
N PHE C 191 14.68 -7.06 -10.71
CA PHE C 191 13.54 -7.46 -11.56
C PHE C 191 12.75 -8.66 -11.01
N VAL C 192 11.56 -8.96 -11.55
CA VAL C 192 10.76 -10.08 -11.04
C VAL C 192 11.60 -11.37 -10.85
N LYS C 193 12.47 -11.67 -11.83
CA LYS C 193 13.31 -12.88 -11.79
C LYS C 193 14.22 -13.00 -10.55
N ASP C 194 14.60 -11.87 -9.94
CA ASP C 194 15.50 -11.88 -8.78
C ASP C 194 14.81 -12.13 -7.44
N LEU C 195 13.48 -12.26 -7.42
CA LEU C 195 12.74 -12.47 -6.17
C LEU C 195 12.05 -13.83 -6.03
N LEU C 196 12.10 -14.64 -7.07
CA LEU C 196 11.46 -15.94 -7.10
C LEU C 196 12.06 -17.07 -6.24
N LEU C 197 11.21 -18.00 -5.82
CA LEU C 197 11.62 -19.17 -5.01
C LEU C 197 12.04 -20.31 -5.96
N PRO C 198 12.70 -21.37 -5.41
CA PRO C 198 13.16 -22.52 -6.21
C PRO C 198 11.99 -23.28 -6.82
N ASP C 199 12.22 -23.89 -7.97
CA ASP C 199 11.18 -24.67 -8.65
C ASP C 199 10.54 -25.73 -7.78
N SER C 200 11.33 -26.40 -6.94
CA SER C 200 10.78 -27.45 -6.11
C SER C 200 9.68 -26.99 -5.14
N GLU C 201 9.81 -25.79 -4.59
CA GLU C 201 8.81 -25.27 -3.65
C GLU C 201 7.51 -24.71 -4.27
N VAL C 202 7.48 -24.57 -5.60
CA VAL C 202 6.29 -23.99 -6.24
C VAL C 202 5.62 -24.82 -7.33
N GLU C 203 5.94 -26.12 -7.36
CA GLU C 203 5.35 -27.07 -8.31
C GLU C 203 3.83 -27.05 -8.37
N HIS C 204 3.18 -27.02 -7.20
CA HIS C 204 1.72 -27.01 -7.14
C HIS C 204 0.98 -25.77 -7.71
N LEU C 205 1.71 -24.72 -8.08
CA LEU C 205 1.06 -23.53 -8.64
C LEU C 205 1.06 -23.51 -10.16
N VAL C 206 1.69 -24.51 -10.77
CA VAL C 206 1.76 -24.61 -12.23
C VAL C 206 0.40 -24.95 -12.87
N ILE C 207 0.06 -24.21 -13.92
CA ILE C 207 -1.19 -24.39 -14.63
C ILE C 207 -0.91 -24.65 -16.11
N ASP C 208 -1.41 -25.78 -16.61
CA ASP C 208 -1.24 -26.14 -18.02
C ASP C 208 -2.61 -26.08 -18.70
N ARG C 209 -2.82 -25.06 -19.53
CA ARG C 209 -4.07 -24.91 -20.23
C ARG C 209 -3.91 -25.03 -21.73
N LYS C 210 -4.97 -25.47 -22.42
CA LYS C 210 -4.89 -25.66 -23.86
C LYS C 210 -5.32 -24.50 -24.73
N ASP C 211 -5.76 -23.41 -24.12
CA ASP C 211 -6.19 -22.24 -24.89
C ASP C 211 -5.13 -21.14 -24.80
N LEU C 212 -3.94 -21.56 -24.41
CA LEU C 212 -2.81 -20.65 -24.26
C LEU C 212 -2.45 -20.14 -25.66
N VAL C 213 -2.32 -18.83 -25.83
CA VAL C 213 -1.99 -18.23 -27.11
C VAL C 213 -0.86 -17.21 -26.93
N MET C 214 0.37 -17.61 -27.26
CA MET C 214 1.51 -16.71 -27.15
C MET C 214 1.34 -15.66 -28.24
N THR C 215 1.66 -14.41 -27.91
CA THR C 215 1.52 -13.32 -28.87
C THR C 215 2.79 -12.48 -28.96
N ASN C 216 3.83 -12.90 -28.24
CA ASN C 216 5.12 -12.21 -28.22
C ASN C 216 6.19 -13.17 -27.78
N GLN C 217 7.43 -12.93 -28.16
CA GLN C 217 8.54 -13.79 -27.78
C GLN C 217 9.16 -13.29 -26.48
N GLU C 218 9.81 -14.19 -25.76
CA GLU C 218 10.50 -13.81 -24.53
C GLU C 218 11.54 -12.76 -24.90
N ILE C 219 11.77 -11.81 -24.00
CA ILE C 219 12.74 -10.77 -24.26
C ILE C 219 14.12 -11.20 -23.75
N GLU C 220 15.17 -10.63 -24.32
CA GLU C 220 16.54 -11.00 -23.94
C GLU C 220 17.26 -10.07 -22.96
N GLN C 221 16.68 -8.91 -22.70
CA GLN C 221 17.28 -7.97 -21.75
C GLN C 221 16.19 -7.42 -20.83
N THR C 222 16.56 -7.12 -19.59
CA THR C 222 15.64 -6.59 -18.59
C THR C 222 15.16 -5.19 -18.93
N THR C 223 14.00 -4.81 -18.39
CA THR C 223 13.41 -3.49 -18.60
C THR C 223 12.43 -3.12 -17.51
N PRO C 224 12.35 -1.81 -17.18
CA PRO C 224 11.46 -1.30 -16.15
C PRO C 224 10.02 -1.04 -16.63
N LYS C 225 9.35 -2.09 -17.10
CA LYS C 225 7.97 -2.00 -17.59
C LYS C 225 7.31 -3.39 -17.65
N THR C 226 5.99 -3.45 -17.78
CA THR C 226 5.30 -4.74 -17.87
C THR C 226 5.35 -5.23 -19.32
N VAL C 227 5.78 -6.47 -19.54
CA VAL C 227 5.87 -7.03 -20.90
C VAL C 227 4.93 -8.26 -21.03
N ARG C 228 3.81 -8.09 -21.74
CA ARG C 228 2.86 -9.18 -21.93
C ARG C 228 3.34 -10.15 -23.02
N LEU C 229 3.35 -11.45 -22.70
CA LEU C 229 3.79 -12.48 -23.63
C LEU C 229 2.64 -13.29 -24.26
N GLY C 230 1.53 -13.44 -23.52
CA GLY C 230 0.42 -14.25 -24.03
C GLY C 230 -0.87 -14.20 -23.24
N ILE C 231 -1.84 -15.01 -23.67
CA ILE C 231 -3.18 -15.00 -23.07
C ILE C 231 -3.93 -16.35 -23.07
N VAL C 232 -4.91 -16.50 -22.16
CA VAL C 232 -5.80 -17.68 -22.09
C VAL C 232 -7.24 -17.13 -22.08
N GLY C 233 -8.20 -17.99 -22.42
CA GLY C 233 -9.59 -17.57 -22.44
C GLY C 233 -9.75 -16.35 -23.35
N LYS C 234 -10.46 -15.33 -22.87
CA LYS C 234 -10.68 -14.10 -23.63
C LYS C 234 -9.73 -12.96 -23.29
N GLY C 235 -8.72 -13.24 -22.47
CA GLY C 235 -7.77 -12.20 -22.10
C GLY C 235 -8.21 -11.09 -21.16
N GLY C 236 -9.12 -11.38 -20.24
CA GLY C 236 -9.56 -10.40 -19.24
C GLY C 236 -8.65 -10.43 -18.00
N GLN C 237 -9.05 -9.74 -16.93
CA GLN C 237 -8.27 -9.70 -15.68
C GLN C 237 -8.01 -11.14 -15.19
N GLY C 238 -6.75 -11.47 -14.90
CA GLY C 238 -6.43 -12.80 -14.41
C GLY C 238 -6.18 -13.84 -15.50
N GLU C 239 -6.25 -13.43 -16.77
CA GLU C 239 -6.01 -14.34 -17.88
C GLU C 239 -4.84 -13.86 -18.77
N ARG C 240 -4.01 -12.97 -18.24
CA ARG C 240 -2.88 -12.39 -18.96
C ARG C 240 -1.56 -12.94 -18.38
N ILE C 241 -0.60 -13.25 -19.26
CA ILE C 241 0.71 -13.81 -18.89
C ILE C 241 1.89 -12.87 -19.23
N TYR C 242 2.75 -12.64 -18.23
CA TYR C 242 3.87 -11.71 -18.38
C TYR C 242 5.27 -12.31 -18.18
N SER C 243 6.27 -11.55 -18.62
CA SER C 243 7.67 -11.93 -18.51
C SER C 243 8.29 -11.53 -17.17
N THR C 244 9.17 -12.40 -16.67
CA THR C 244 9.89 -12.20 -15.42
C THR C 244 11.13 -11.32 -15.61
N ARG C 245 11.40 -10.90 -16.84
CA ARG C 245 12.53 -10.03 -17.15
C ARG C 245 12.08 -8.56 -17.06
N GLY C 246 10.78 -8.36 -16.84
CA GLY C 246 10.23 -7.02 -16.69
C GLY C 246 9.76 -6.81 -15.25
N ILE C 247 8.69 -6.05 -15.06
CA ILE C 247 8.18 -5.82 -13.70
C ILE C 247 6.78 -6.43 -13.51
N ALA C 248 6.32 -6.53 -12.27
CA ALA C 248 5.01 -7.12 -11.95
C ALA C 248 3.80 -6.19 -12.12
N ILE C 249 2.62 -6.74 -12.49
CA ILE C 249 1.39 -5.91 -12.59
C ILE C 249 0.90 -5.70 -11.14
N THR C 250 0.41 -4.49 -10.53
CA THR C 250 -0.29 -4.28 -9.25
C THR C 250 -1.17 -5.49 -8.79
N LEU C 251 -1.04 -5.95 -7.68
CA LEU C 251 -1.69 -7.02 -6.87
C LEU C 251 -3.07 -6.52 -6.40
N SER C 252 -4.10 -7.37 -6.43
CA SER C 252 -5.42 -6.93 -5.98
C SER C 252 -6.02 -7.81 -4.87
N ALA C 253 -7.06 -7.31 -4.21
CA ALA C 253 -7.68 -8.05 -3.10
C ALA C 253 -8.84 -9.00 -3.40
N TYR C 254 -9.70 -8.61 -4.34
CA TYR C 254 -10.89 -9.38 -4.71
C TYR C 254 -10.91 -9.88 -6.18
N GLY C 255 -9.76 -9.84 -6.85
CA GLY C 255 -9.68 -10.25 -8.24
C GLY C 255 -10.03 -11.71 -8.60
N GLY C 256 -10.38 -11.93 -9.88
CA GLY C 256 -10.73 -13.25 -10.36
C GLY C 256 -9.90 -13.73 -11.53
N GLY C 257 -10.41 -14.74 -12.25
CA GLY C 257 -9.67 -15.30 -13.37
C GLY C 257 -8.80 -16.48 -12.91
N ILE C 258 -8.37 -17.34 -13.83
CA ILE C 258 -7.56 -18.50 -13.46
C ILE C 258 -6.23 -18.14 -12.75
N PHE C 259 -5.63 -16.99 -13.09
CA PHE C 259 -4.39 -16.54 -12.42
C PHE C 259 -4.76 -15.40 -11.45
N ALA C 260 -5.78 -15.62 -10.66
CA ALA C 260 -6.31 -14.61 -9.76
C ALA C 260 -5.40 -13.85 -8.79
N LYS C 261 -5.63 -12.55 -8.74
CA LYS C 261 -4.95 -11.63 -7.81
C LYS C 261 -3.46 -11.35 -8.00
N THR C 262 -2.69 -12.28 -8.59
CA THR C 262 -1.26 -12.08 -8.82
C THR C 262 -0.91 -11.93 -10.31
N GLY C 263 -1.66 -12.62 -11.16
CA GLY C 263 -1.37 -12.60 -12.59
C GLY C 263 -0.48 -13.81 -12.88
N GLY C 264 -0.33 -14.20 -14.15
CA GLY C 264 0.50 -15.35 -14.51
C GLY C 264 1.86 -14.97 -15.10
N TYR C 265 2.86 -15.82 -14.91
CA TYR C 265 4.23 -15.59 -15.40
C TYR C 265 4.88 -16.81 -16.06
N LEU C 266 5.73 -16.59 -17.07
CA LEU C 266 6.46 -17.66 -17.78
C LEU C 266 7.77 -17.93 -17.02
N VAL C 267 7.83 -19.05 -16.29
CA VAL C 267 9.01 -19.41 -15.50
C VAL C 267 9.65 -20.73 -15.96
N ASN C 268 10.92 -20.69 -16.36
CA ASN C 268 11.64 -21.88 -16.81
C ASN C 268 10.77 -22.80 -17.67
N GLY C 269 10.13 -22.24 -18.68
CA GLY C 269 9.31 -23.05 -19.56
C GLY C 269 7.88 -23.33 -19.18
N LYS C 270 7.42 -22.92 -17.99
CA LYS C 270 6.03 -23.14 -17.56
C LYS C 270 5.28 -21.87 -17.14
N THR C 271 3.94 -21.93 -17.09
CA THR C 271 3.16 -20.77 -16.66
C THR C 271 2.54 -21.03 -15.29
N ARG C 272 2.76 -20.12 -14.33
CA ARG C 272 2.23 -20.23 -12.98
C ARG C 272 1.97 -18.86 -12.31
N LYS C 273 1.28 -18.88 -11.18
CA LYS C 273 1.01 -17.65 -10.46
C LYS C 273 2.01 -17.51 -9.30
N LEU C 274 1.94 -16.42 -8.55
CA LEU C 274 2.90 -16.23 -7.46
C LEU C 274 2.52 -16.90 -6.15
N HIS C 275 3.54 -17.24 -5.37
CA HIS C 275 3.40 -17.88 -4.06
C HIS C 275 3.23 -16.72 -3.06
N PRO C 276 2.52 -16.93 -1.92
CA PRO C 276 2.34 -15.85 -0.94
C PRO C 276 3.65 -15.13 -0.51
N ARG C 277 4.73 -15.90 -0.35
CA ARG C 277 6.03 -15.32 0.03
C ARG C 277 6.58 -14.41 -1.08
N GLU C 278 6.40 -14.79 -2.34
CA GLU C 278 6.88 -13.94 -3.44
C GLU C 278 6.04 -12.65 -3.47
N CYS C 279 4.78 -12.71 -3.04
CA CYS C 279 3.89 -11.53 -2.97
C CYS C 279 4.43 -10.60 -1.88
N ALA C 280 4.89 -11.17 -0.77
CA ALA C 280 5.46 -10.39 0.34
C ALA C 280 6.67 -9.60 -0.16
N ARG C 281 7.54 -10.28 -0.91
CA ARG C 281 8.73 -9.66 -1.50
C ARG C 281 8.44 -8.50 -2.47
N VAL C 282 7.47 -8.66 -3.38
CA VAL C 282 7.19 -7.56 -4.31
C VAL C 282 6.46 -6.40 -3.64
N MET C 283 6.05 -6.59 -2.37
CA MET C 283 5.41 -5.52 -1.57
C MET C 283 6.45 -4.94 -0.57
N GLY C 284 7.70 -5.40 -0.65
CA GLY C 284 8.73 -4.89 0.24
C GLY C 284 8.81 -5.42 1.67
N TYR C 285 8.08 -6.49 1.99
CA TYR C 285 8.11 -7.10 3.34
C TYR C 285 9.34 -8.03 3.52
N PRO C 286 9.92 -8.06 4.74
CA PRO C 286 11.09 -8.91 5.02
C PRO C 286 10.67 -10.37 5.21
N ASP C 287 11.58 -11.30 4.90
CA ASP C 287 11.31 -12.74 5.02
C ASP C 287 10.92 -13.20 6.41
N SER C 288 11.18 -12.37 7.42
CA SER C 288 10.85 -12.70 8.79
C SER C 288 9.38 -12.43 9.17
N TYR C 289 8.62 -11.77 8.29
CA TYR C 289 7.20 -11.49 8.60
C TYR C 289 6.44 -12.81 8.44
N LYS C 290 5.58 -13.13 9.39
CA LYS C 290 4.81 -14.37 9.32
C LYS C 290 3.49 -14.18 8.57
N VAL C 291 3.21 -15.03 7.58
CA VAL C 291 1.95 -14.91 6.83
C VAL C 291 0.83 -15.76 7.44
N HIS C 292 -0.40 -15.48 7.03
CA HIS C 292 -1.57 -16.19 7.54
C HIS C 292 -1.59 -17.64 7.01
N PRO C 293 -1.89 -18.62 7.88
CA PRO C 293 -1.92 -20.03 7.43
C PRO C 293 -2.87 -20.33 6.27
N SER C 294 -3.87 -19.48 6.09
CA SER C 294 -4.80 -19.66 4.98
C SER C 294 -4.36 -18.91 3.73
N THR C 295 -3.92 -19.66 2.73
CA THR C 295 -3.49 -19.08 1.45
C THR C 295 -4.47 -18.07 0.84
N SER C 296 -5.77 -18.32 0.99
CA SER C 296 -6.82 -17.45 0.45
C SER C 296 -6.83 -16.07 1.15
N GLN C 297 -6.76 -16.06 2.48
CA GLN C 297 -6.72 -14.79 3.22
C GLN C 297 -5.38 -14.02 2.99
N ALA C 298 -4.30 -14.76 2.81
CA ALA C 298 -3.00 -14.14 2.59
C ALA C 298 -2.93 -13.32 1.29
N TYR C 299 -3.44 -13.86 0.18
CA TYR C 299 -3.44 -13.10 -1.10
C TYR C 299 -4.32 -11.82 -0.98
N LYS C 300 -5.47 -11.93 -0.33
CA LYS C 300 -6.38 -10.81 -0.14
C LYS C 300 -5.70 -9.70 0.69
N GLN C 301 -5.04 -10.10 1.78
CA GLN C 301 -4.32 -9.16 2.64
C GLN C 301 -3.18 -8.42 1.87
N PHE C 302 -2.33 -9.15 1.14
CA PHE C 302 -1.24 -8.47 0.40
C PHE C 302 -1.79 -7.55 -0.71
N GLY C 303 -2.89 -7.93 -1.35
CA GLY C 303 -3.47 -7.11 -2.41
C GLY C 303 -4.05 -5.78 -1.92
N ASN C 304 -4.37 -5.70 -0.63
CA ASN C 304 -4.95 -4.48 -0.03
C ASN C 304 -3.86 -3.57 0.58
N SER C 305 -2.64 -4.10 0.74
CA SER C 305 -1.56 -3.40 1.45
C SER C 305 -0.73 -2.34 0.71
N VAL C 306 0.33 -1.86 1.38
CA VAL C 306 1.23 -0.81 0.86
C VAL C 306 2.68 -1.30 0.64
N VAL C 307 3.42 -0.62 -0.23
CA VAL C 307 4.82 -0.95 -0.49
C VAL C 307 5.66 -0.26 0.61
N ILE C 308 6.27 -1.05 1.50
CA ILE C 308 7.07 -0.54 2.63
C ILE C 308 8.15 0.49 2.29
N ASN C 309 8.96 0.20 1.28
CA ASN C 309 10.07 1.08 0.87
C ASN C 309 9.61 2.52 0.58
N VAL C 310 8.50 2.67 -0.15
CA VAL C 310 8.00 4.01 -0.49
C VAL C 310 7.62 4.82 0.76
N LEU C 311 6.97 4.18 1.73
CA LEU C 311 6.58 4.85 2.96
C LEU C 311 7.79 5.24 3.83
N GLN C 312 8.87 4.47 3.76
CA GLN C 312 10.08 4.75 4.56
C GLN C 312 10.78 6.05 4.15
N TYR C 313 10.85 6.30 2.84
CA TYR C 313 11.45 7.50 2.29
C TYR C 313 10.58 8.72 2.67
N ILE C 314 9.27 8.59 2.52
CA ILE C 314 8.32 9.66 2.87
C ILE C 314 8.39 10.00 4.36
N ALA C 315 8.43 8.98 5.22
CA ALA C 315 8.49 9.20 6.67
C ALA C 315 9.79 9.90 7.13
N TYR C 316 10.90 9.57 6.49
CA TYR C 316 12.18 10.18 6.81
C TYR C 316 12.11 11.68 6.50
N ASN C 317 11.46 12.02 5.37
CA ASN C 317 11.32 13.42 4.95
C ASN C 317 10.38 14.19 5.89
N ILE C 318 9.41 13.51 6.49
CA ILE C 318 8.50 14.18 7.44
C ILE C 318 9.32 14.56 8.69
N GLY C 319 10.15 13.64 9.16
CA GLY C 319 10.99 13.89 10.32
C GLY C 319 12.00 15.02 10.11
N SER C 320 12.66 15.03 8.95
CA SER C 320 13.63 16.06 8.61
C SER C 320 13.02 17.46 8.74
N SER C 321 11.79 17.63 8.23
CA SER C 321 11.10 18.91 8.30
C SER C 321 10.75 19.28 9.74
N LEU C 322 10.30 18.31 10.53
CA LEU C 322 9.94 18.60 11.91
C LEU C 322 11.14 19.01 12.78
N ASN C 323 12.32 18.48 12.45
CA ASN C 323 13.53 18.73 13.22
C ASN C 323 14.31 20.01 12.91
N PHE C 324 14.02 20.66 11.78
CA PHE C 324 14.71 21.89 11.37
C PHE C 324 14.13 23.10 12.14
N LYS C 325 14.75 23.44 13.26
CA LYS C 325 14.31 24.56 14.10
C LYS C 325 15.46 25.54 14.44
N PRO C 326 15.87 26.40 13.51
CA PRO C 326 16.96 27.34 13.81
C PRO C 326 16.51 28.57 14.63
N TYR C 327 17.48 29.24 15.28
CA TYR C 327 17.19 30.46 16.04
C TYR C 327 17.08 31.57 15.00
N SAM D . -2.74 -0.13 4.97
CA SAM D . -3.19 -1.50 5.31
C SAM D . -2.01 -2.48 5.23
O SAM D . -0.80 -2.11 5.56
OXT SAM D . -2.32 -3.75 5.09
CB SAM D . -4.32 -1.94 4.36
CG SAM D . -5.59 -1.11 4.47
SD SAM D . -6.98 -1.67 3.43
CE SAM D . -7.65 -1.42 2.01
C5' SAM D . -8.41 -1.14 4.39
C4' SAM D . -8.73 -1.91 5.71
O4' SAM D . -9.79 -1.26 6.41
C3' SAM D . -9.25 -3.37 5.46
O3' SAM D . -8.31 -4.21 6.12
C2' SAM D . -10.65 -3.35 6.05
O2' SAM D . -10.99 -4.62 6.69
C1' SAM D . -10.59 -2.23 7.06
N9 SAM D . -11.96 -1.63 7.42
C8 SAM D . -13.00 -1.26 6.60
N7 SAM D . -14.02 -0.71 7.18
C5 SAM D . -13.66 -0.69 8.53
C6 SAM D . -14.33 -0.21 9.68
N6 SAM D . -15.52 0.41 9.58
N1 SAM D . -13.74 -0.30 10.90
C2 SAM D . -12.49 -0.87 10.92
N3 SAM D . -11.74 -1.37 9.92
C4 SAM D . -12.41 -1.24 8.71
#